data_4ZYC
#
_entry.id   4ZYC
#
_cell.length_a   39.020
_cell.length_b   49.780
_cell.length_c   75.287
_cell.angle_alpha   90.000
_cell.angle_beta   92.770
_cell.angle_gamma   90.000
#
_symmetry.space_group_name_H-M   'P 1 21 1'
#
loop_
_entity.id
_entity.type
_entity.pdbx_description
1 polymer 'E3 ubiquitin-protein ligase Mdm2'
2 non-polymer (S)-2-(2-((2H-tetrazol-5-yl)methoxy)-4-methylphenyl)-1-(4-chlorophenyl)-6,7-diethoxy-1,2-dihydroisoquinolin-3(4H)-one
3 non-polymer 'SULFATE ION'
4 water water
#
_entity_poly.entity_id   1
_entity_poly.type   'polypeptide(L)'
_entity_poly.pdbx_seq_one_letter_code
;GSQIPASEQETLVRPKPELLKLLKSVGAQKDTYTMKEVLFYLGQYIMTKRLYDEKQQHIVYCSNDLLGDLFGVPSFSVKE
HRKIYTMIYRNLVVVN
;
_entity_poly.pdbx_strand_id   A,B,C
#
loop_
_chem_comp.id
_chem_comp.type
_chem_comp.name
_chem_comp.formula
4SS non-polymer (S)-2-(2-((2H-tetrazol-5-yl)methoxy)-4-methylphenyl)-1-(4-chlorophenyl)-6,7-diethoxy-1,2-dihydroisoquinolin-3(4H)-one 'C28 H28 Cl N5 O4'
SO4 non-polymer 'SULFATE ION' 'O4 S -2'
#
# COMPACT_ATOMS: atom_id res chain seq x y z
N GLU A 10 -12.38 -4.62 -9.41
CA GLU A 10 -13.44 -3.78 -10.02
C GLU A 10 -14.25 -3.06 -8.94
N THR A 11 -14.07 -3.52 -7.71
CA THR A 11 -14.81 -3.02 -6.55
C THR A 11 -14.64 -1.51 -6.33
N LEU A 12 -15.76 -0.83 -6.14
CA LEU A 12 -15.77 0.58 -5.82
C LEU A 12 -16.00 0.77 -4.34
N VAL A 13 -15.21 1.65 -3.75
CA VAL A 13 -15.22 1.87 -2.32
C VAL A 13 -15.51 3.35 -2.04
N ARG A 14 -16.10 3.62 -0.88
CA ARG A 14 -16.42 4.99 -0.48
C ARG A 14 -15.51 5.39 0.69
N PRO A 15 -14.55 6.30 0.43
CA PRO A 15 -13.71 6.74 1.53
C PRO A 15 -14.52 7.48 2.60
N LYS A 16 -14.13 7.29 3.86
CA LYS A 16 -14.61 8.10 4.97
C LYS A 16 -14.13 9.54 4.76
N PRO A 17 -14.76 10.52 5.46
CA PRO A 17 -14.51 11.95 5.20
C PRO A 17 -13.04 12.40 5.18
N GLU A 18 -12.25 11.99 6.16
CA GLU A 18 -10.84 12.42 6.24
C GLU A 18 -10.01 11.91 5.06
N LEU A 19 -10.14 10.62 4.75
CA LEU A 19 -9.40 10.07 3.60
C LEU A 19 -9.85 10.74 2.32
N LEU A 20 -11.15 11.02 2.20
CA LEU A 20 -11.68 11.66 1.00
C LEU A 20 -11.07 13.05 0.79
N LYS A 21 -10.95 13.83 1.86
CA LYS A 21 -10.29 15.14 1.81
C LYS A 21 -8.83 15.03 1.39
N LEU A 22 -8.14 14.04 1.95
CA LEU A 22 -6.78 13.74 1.54
C LEU A 22 -6.68 13.45 0.03
N LEU A 23 -7.55 12.57 -0.48
CA LEU A 23 -7.56 12.25 -1.91
C LEU A 23 -7.82 13.48 -2.76
N LYS A 24 -8.75 14.32 -2.32
CA LYS A 24 -9.06 15.56 -3.04
C LYS A 24 -7.89 16.55 -3.01
N SER A 25 -7.03 16.43 -2.00
CA SER A 25 -5.85 17.31 -1.89
C SER A 25 -4.83 17.01 -3.00
N VAL A 26 -4.86 15.79 -3.54
CA VAL A 26 -4.02 15.45 -4.69
C VAL A 26 -4.81 15.30 -5.99
N GLY A 27 -5.93 16.01 -6.07
CA GLY A 27 -6.65 16.16 -7.33
C GLY A 27 -7.72 15.14 -7.64
N ALA A 28 -8.05 14.25 -6.69
CA ALA A 28 -9.17 13.33 -6.86
C ALA A 28 -10.47 14.11 -6.91
N GLN A 29 -11.37 13.69 -7.79
CA GLN A 29 -12.59 14.45 -8.05
C GLN A 29 -13.83 13.60 -7.84
N LYS A 30 -13.64 12.35 -7.42
CA LYS A 30 -14.73 11.39 -7.35
C LYS A 30 -15.29 11.17 -5.95
N ASP A 31 -16.44 10.49 -5.90
CA ASP A 31 -17.08 10.10 -4.66
C ASP A 31 -16.70 8.68 -4.24
N THR A 32 -16.55 7.80 -5.23
CA THR A 32 -16.13 6.42 -4.99
C THR A 32 -14.99 6.04 -5.93
N TYR A 33 -14.19 5.06 -5.51
CA TYR A 33 -12.91 4.74 -6.15
C TYR A 33 -12.67 3.24 -6.15
N THR A 34 -11.93 2.76 -7.14
CA THR A 34 -11.37 1.42 -7.08
C THR A 34 -10.18 1.47 -6.13
N MET A 35 -9.82 0.33 -5.55
CA MET A 35 -8.64 0.27 -4.69
C MET A 35 -7.38 0.72 -5.43
N LYS A 36 -7.31 0.43 -6.73
CA LYS A 36 -6.18 0.87 -7.58
C LYS A 36 -6.03 2.39 -7.61
N GLU A 37 -7.13 3.10 -7.82
CA GLU A 37 -7.10 4.55 -7.84
C GLU A 37 -6.72 5.10 -6.46
N VAL A 38 -7.25 4.51 -5.40
CA VAL A 38 -6.89 4.94 -4.03
C VAL A 38 -5.38 4.85 -3.81
N LEU A 39 -4.80 3.71 -4.18
CA LEU A 39 -3.37 3.49 -4.04
C LEU A 39 -2.55 4.46 -4.87
N PHE A 40 -2.96 4.70 -6.12
CA PHE A 40 -2.28 5.71 -6.96
C PHE A 40 -2.31 7.10 -6.32
N TYR A 41 -3.48 7.51 -5.83
CA TYR A 41 -3.62 8.84 -5.22
C TYR A 41 -2.82 8.95 -3.93
N LEU A 42 -2.84 7.90 -3.11
CA LEU A 42 -2.02 7.88 -1.90
C LEU A 42 -0.53 7.96 -2.23
N GLY A 43 -0.12 7.27 -3.29
CA GLY A 43 1.28 7.29 -3.77
C GLY A 43 1.67 8.69 -4.19
N GLN A 44 0.76 9.38 -4.88
CA GLN A 44 0.98 10.78 -5.24
C GLN A 44 1.08 11.70 -4.02
N TYR A 45 0.27 11.41 -3.01
CA TYR A 45 0.29 12.16 -1.76
C TYR A 45 1.64 11.99 -1.05
N ILE A 46 2.09 10.75 -0.96
CA ILE A 46 3.38 10.39 -0.37
C ILE A 46 4.54 11.09 -1.12
N MET A 47 4.48 11.09 -2.45
CA MET A 47 5.48 11.80 -3.22
C MET A 47 5.45 13.32 -2.99
N THR A 48 4.26 13.91 -3.01
CA THR A 48 4.12 15.38 -2.91
C THR A 48 4.55 15.86 -1.52
N LYS A 49 4.16 15.12 -0.49
CA LYS A 49 4.51 15.48 0.88
C LYS A 49 5.89 14.97 1.33
N ARG A 50 6.55 14.23 0.45
CA ARG A 50 7.91 13.71 0.68
C ARG A 50 7.98 12.85 1.94
N LEU A 51 7.00 11.97 2.10
CA LEU A 51 6.86 11.11 3.26
C LEU A 51 7.72 9.86 3.14
N TYR A 52 8.17 9.58 1.92
CA TYR A 52 9.22 8.61 1.71
C TYR A 52 10.56 9.22 2.15
N ASP A 53 11.52 8.37 2.49
CA ASP A 53 12.84 8.86 2.89
C ASP A 53 13.80 8.85 1.70
N GLU A 54 14.60 9.89 1.58
CA GLU A 54 15.56 10.02 0.48
C GLU A 54 16.54 8.86 0.43
N LYS A 55 17.01 8.44 1.60
CA LYS A 55 18.10 7.47 1.73
C LYS A 55 17.60 6.06 1.95
N GLN A 56 16.50 5.94 2.68
CA GLN A 56 16.00 4.64 3.10
C GLN A 56 14.92 4.10 2.15
N GLN A 57 15.14 2.88 1.68
CA GLN A 57 14.21 2.20 0.78
C GLN A 57 12.91 1.82 1.49
N HIS A 58 11.81 1.78 0.72
CA HIS A 58 10.53 1.19 1.12
C HIS A 58 9.72 1.89 2.23
N ILE A 59 10.39 2.55 3.17
CA ILE A 59 9.72 3.08 4.35
C ILE A 59 9.05 4.44 4.10
N VAL A 60 7.80 4.55 4.50
CA VAL A 60 7.09 5.81 4.47
C VAL A 60 6.98 6.27 5.91
N TYR A 61 7.38 7.51 6.15
CA TYR A 61 7.29 8.15 7.46
C TYR A 61 6.11 9.11 7.52
N CYS A 62 5.06 8.68 8.22
CA CYS A 62 3.81 9.42 8.25
C CYS A 62 3.45 9.95 9.65
N SER A 63 4.38 9.86 10.59
CA SER A 63 4.13 10.26 12.00
C SER A 63 3.73 11.73 12.15
N ASN A 64 4.26 12.59 11.30
CA ASN A 64 4.00 14.03 11.38
C ASN A 64 2.78 14.47 10.58
N ASP A 65 2.08 13.52 10.00
CA ASP A 65 1.21 13.79 8.88
C ASP A 65 -0.19 13.25 9.09
N LEU A 66 -1.16 13.91 8.46
CA LEU A 66 -2.54 13.41 8.39
C LEU A 66 -2.58 11.91 8.08
N LEU A 67 -1.75 11.47 7.12
CA LEU A 67 -1.72 10.06 6.73
C LEU A 67 -1.48 9.15 7.92
N GLY A 68 -0.56 9.55 8.79
CA GLY A 68 -0.26 8.84 10.03
C GLY A 68 -1.47 8.76 10.96
N ASP A 69 -2.24 9.84 11.02
CA ASP A 69 -3.47 9.88 11.80
C ASP A 69 -4.48 8.88 11.25
N LEU A 70 -4.61 8.84 9.92
CA LEU A 70 -5.56 7.95 9.27
C LEU A 70 -5.18 6.48 9.33
N PHE A 71 -3.89 6.20 9.14
CA PHE A 71 -3.42 4.82 9.10
C PHE A 71 -3.20 4.22 10.49
N GLY A 72 -2.98 5.09 11.48
CA GLY A 72 -2.82 4.68 12.88
C GLY A 72 -1.43 4.13 13.17
N VAL A 73 -0.46 4.53 12.35
CA VAL A 73 0.92 4.08 12.49
C VAL A 73 1.88 5.25 12.20
N PRO A 74 3.08 5.23 12.80
CA PRO A 74 4.03 6.31 12.50
C PRO A 74 4.90 6.07 11.25
N SER A 75 5.03 4.80 10.85
CA SER A 75 5.71 4.41 9.61
C SER A 75 5.24 3.04 9.13
N PHE A 76 5.53 2.72 7.88
CA PHE A 76 5.27 1.39 7.31
C PHE A 76 6.10 1.19 6.06
N SER A 77 6.26 -0.08 5.66
CA SER A 77 6.92 -0.41 4.42
C SER A 77 5.89 -0.60 3.31
N VAL A 78 6.21 -0.08 2.12
CA VAL A 78 5.34 -0.22 0.97
C VAL A 78 5.28 -1.67 0.46
N LYS A 79 6.20 -2.51 0.94
CA LYS A 79 6.22 -3.93 0.57
C LYS A 79 5.07 -4.72 1.24
N GLU A 80 4.60 -4.21 2.38
CA GLU A 80 3.59 -4.90 3.18
C GLU A 80 2.19 -4.63 2.68
N HIS A 81 1.82 -5.27 1.57
CA HIS A 81 0.55 -4.95 0.89
C HIS A 81 -0.68 -5.27 1.72
N ARG A 82 -0.66 -6.40 2.43
CA ARG A 82 -1.79 -6.82 3.26
C ARG A 82 -2.06 -5.83 4.38
N LYS A 83 -0.99 -5.36 5.01
CA LYS A 83 -1.10 -4.34 6.06
C LYS A 83 -1.64 -3.03 5.48
N ILE A 84 -1.15 -2.66 4.29
CA ILE A 84 -1.59 -1.44 3.62
C ILE A 84 -3.10 -1.49 3.34
N TYR A 85 -3.57 -2.65 2.87
CA TYR A 85 -5.00 -2.84 2.63
C TYR A 85 -5.83 -2.65 3.90
N THR A 86 -5.33 -3.18 5.02
CA THR A 86 -6.01 -2.99 6.30
C THR A 86 -6.08 -1.50 6.68
N MET A 87 -4.98 -0.80 6.51
CA MET A 87 -4.88 0.61 6.89
C MET A 87 -5.83 1.48 6.06
N ILE A 88 -5.93 1.15 4.77
CA ILE A 88 -6.86 1.86 3.89
C ILE A 88 -8.31 1.53 4.25
N TYR A 89 -8.60 0.24 4.40
CA TYR A 89 -9.97 -0.21 4.70
C TYR A 89 -10.55 0.34 6.01
N ARG A 90 -9.67 0.64 6.97
CA ARG A 90 -10.04 1.36 8.19
C ARG A 90 -10.67 2.70 7.88
N ASN A 91 -10.35 3.23 6.69
CA ASN A 91 -10.79 4.55 6.27
C ASN A 91 -11.82 4.54 5.14
N LEU A 92 -12.44 3.39 4.92
CA LEU A 92 -13.49 3.21 3.93
C LEU A 92 -14.81 2.87 4.61
N VAL A 93 -15.93 3.21 3.99
CA VAL A 93 -17.25 2.86 4.50
C VAL A 93 -17.50 1.35 4.38
N THR B 11 20.72 9.46 -6.01
CA THR B 11 21.48 10.69 -6.42
C THR B 11 20.63 11.50 -7.39
N LEU B 12 21.24 12.44 -8.12
CA LEU B 12 20.51 13.20 -9.13
C LEU B 12 20.63 12.58 -10.53
N VAL B 13 19.54 12.66 -11.28
CA VAL B 13 19.48 12.18 -12.66
C VAL B 13 18.91 13.27 -13.56
N ARG B 14 19.29 13.22 -14.83
CA ARG B 14 18.72 14.09 -15.83
C ARG B 14 18.13 13.26 -16.95
N PRO B 15 16.82 13.34 -17.12
CA PRO B 15 16.14 12.60 -18.19
C PRO B 15 16.61 13.08 -19.55
N LYS B 16 16.83 12.13 -20.45
CA LYS B 16 17.11 12.46 -21.84
C LYS B 16 15.86 13.07 -22.48
N PRO B 17 15.97 13.68 -23.68
CA PRO B 17 14.85 14.51 -24.18
C PRO B 17 13.47 13.83 -24.32
N GLU B 18 13.42 12.60 -24.81
CA GLU B 18 12.15 11.87 -24.97
C GLU B 18 11.46 11.61 -23.63
N LEU B 19 12.22 11.10 -22.66
CA LEU B 19 11.69 10.92 -21.31
C LEU B 19 11.32 12.27 -20.68
N LEU B 20 12.14 13.29 -20.89
CA LEU B 20 11.84 14.61 -20.34
C LEU B 20 10.50 15.14 -20.89
N LYS B 21 10.26 14.91 -22.18
CA LYS B 21 8.98 15.23 -22.80
C LYS B 21 7.83 14.49 -22.10
N LEU B 22 8.01 13.19 -21.88
CA LEU B 22 7.00 12.39 -21.21
C LEU B 22 6.68 12.96 -19.83
N LEU B 23 7.72 13.20 -19.03
CA LEU B 23 7.57 13.78 -17.70
C LEU B 23 6.92 15.17 -17.71
N LYS B 24 7.30 16.00 -18.66
CA LYS B 24 6.69 17.32 -18.77
C LYS B 24 5.19 17.26 -19.09
N SER B 25 4.77 16.19 -19.78
CA SER B 25 3.38 16.04 -20.17
C SER B 25 2.47 15.70 -18.99
N VAL B 26 3.04 15.22 -17.88
CA VAL B 26 2.26 15.03 -16.66
C VAL B 26 2.53 16.09 -15.61
N GLY B 27 3.22 17.16 -16.00
CA GLY B 27 3.38 18.32 -15.13
C GLY B 27 4.72 18.52 -14.43
N ALA B 28 5.67 17.60 -14.64
CA ALA B 28 7.02 17.77 -14.10
C ALA B 28 7.68 18.99 -14.75
N GLN B 29 8.33 19.80 -13.93
CA GLN B 29 8.82 21.11 -14.36
C GLN B 29 10.36 21.19 -14.42
N LYS B 30 11.03 20.35 -13.64
CA LYS B 30 12.47 20.41 -13.46
C LYS B 30 13.24 19.71 -14.57
N ASP B 31 14.55 19.92 -14.60
CA ASP B 31 15.40 19.22 -15.57
C ASP B 31 16.25 18.17 -14.86
N THR B 32 16.37 18.32 -13.54
CA THR B 32 17.09 17.37 -12.70
C THR B 32 16.19 16.84 -11.58
N TYR B 33 16.26 15.53 -11.37
CA TYR B 33 15.37 14.81 -10.46
C TYR B 33 16.19 13.79 -9.69
N THR B 34 15.60 13.24 -8.64
CA THR B 34 16.10 12.02 -8.02
C THR B 34 15.45 10.85 -8.76
N MET B 35 16.05 9.67 -8.65
CA MET B 35 15.48 8.46 -9.23
C MET B 35 14.08 8.20 -8.66
N LYS B 36 13.93 8.43 -7.35
CA LYS B 36 12.62 8.28 -6.71
C LYS B 36 11.58 9.19 -7.35
N GLU B 37 11.95 10.43 -7.65
CA GLU B 37 11.00 11.36 -8.28
C GLU B 37 10.59 10.90 -9.67
N VAL B 38 11.54 10.37 -10.46
CA VAL B 38 11.24 9.86 -11.81
C VAL B 38 10.24 8.71 -11.74
N LEU B 39 10.48 7.78 -10.81
CA LEU B 39 9.58 6.64 -10.60
C LEU B 39 8.16 7.11 -10.25
N PHE B 40 8.05 8.05 -9.32
CA PHE B 40 6.75 8.62 -8.94
C PHE B 40 6.06 9.29 -10.13
N TYR B 41 6.81 10.06 -10.90
CA TYR B 41 6.24 10.73 -12.07
C TYR B 41 5.78 9.74 -13.12
N LEU B 42 6.56 8.67 -13.33
CA LEU B 42 6.18 7.63 -14.29
C LEU B 42 4.95 6.85 -13.81
N GLY B 43 4.86 6.64 -12.49
CA GLY B 43 3.66 6.06 -11.89
C GLY B 43 2.44 6.94 -12.13
N GLN B 44 2.62 8.24 -11.97
CA GLN B 44 1.57 9.23 -12.22
C GLN B 44 1.14 9.19 -13.69
N TYR B 45 2.12 9.14 -14.59
CA TYR B 45 1.85 8.99 -16.02
C TYR B 45 0.99 7.75 -16.29
N ILE B 46 1.39 6.61 -15.74
CA ILE B 46 0.70 5.35 -15.93
C ILE B 46 -0.75 5.44 -15.45
N MET B 47 -0.94 6.00 -14.25
CA MET B 47 -2.27 6.22 -13.65
C MET B 47 -3.14 7.14 -14.50
N THR B 48 -2.57 8.27 -14.90
CA THR B 48 -3.26 9.31 -15.65
C THR B 48 -3.65 8.85 -17.06
N LYS B 49 -2.73 8.16 -17.73
CA LYS B 49 -3.02 7.61 -19.06
C LYS B 49 -3.76 6.27 -19.04
N ARG B 50 -4.05 5.78 -17.82
CA ARG B 50 -4.73 4.49 -17.61
C ARG B 50 -4.07 3.35 -18.39
N LEU B 51 -2.75 3.26 -18.28
CA LEU B 51 -2.00 2.21 -18.95
C LEU B 51 -2.03 0.91 -18.17
N TYR B 52 -2.42 0.97 -16.91
CA TYR B 52 -2.68 -0.23 -16.11
C TYR B 52 -4.04 -0.84 -16.50
N ASP B 53 -4.16 -2.14 -16.25
CA ASP B 53 -5.37 -2.90 -16.58
C ASP B 53 -6.31 -2.89 -15.38
N GLU B 54 -7.58 -2.61 -15.63
CA GLU B 54 -8.57 -2.53 -14.57
C GLU B 54 -8.82 -3.89 -13.90
N LYS B 55 -8.69 -4.97 -14.67
CA LYS B 55 -9.00 -6.30 -14.12
C LYS B 55 -7.78 -7.20 -13.90
N GLN B 56 -6.62 -6.72 -14.32
CA GLN B 56 -5.39 -7.50 -14.16
C GLN B 56 -4.37 -6.73 -13.36
N GLN B 57 -3.77 -7.41 -12.39
CA GLN B 57 -2.73 -6.79 -11.58
C GLN B 57 -1.44 -6.68 -12.36
N HIS B 58 -0.61 -5.72 -11.95
CA HIS B 58 0.81 -5.64 -12.31
C HIS B 58 1.16 -5.22 -13.72
N ILE B 59 0.34 -5.59 -14.70
CA ILE B 59 0.70 -5.36 -16.10
C ILE B 59 0.42 -3.94 -16.55
N VAL B 60 1.38 -3.34 -17.24
CA VAL B 60 1.20 -2.03 -17.85
C VAL B 60 1.24 -2.21 -19.36
N TYR B 61 0.20 -1.73 -20.05
CA TYR B 61 0.11 -1.79 -21.51
C TYR B 61 0.50 -0.47 -22.15
N CYS B 62 1.64 -0.48 -22.84
CA CYS B 62 2.21 0.75 -23.36
C CYS B 62 2.46 0.73 -24.87
N SER B 63 1.95 -0.29 -25.55
CA SER B 63 2.13 -0.44 -27.01
C SER B 63 1.69 0.81 -27.77
N ASN B 64 0.58 1.40 -27.35
CA ASN B 64 0.01 2.50 -28.09
C ASN B 64 0.48 3.89 -27.64
N ASP B 65 1.62 3.91 -26.93
CA ASP B 65 1.99 5.07 -26.15
C ASP B 65 3.47 5.44 -26.26
N LEU B 66 3.76 6.72 -26.01
CA LEU B 66 5.14 7.22 -25.87
C LEU B 66 5.99 6.40 -24.89
N LEU B 67 5.39 5.96 -23.78
CA LEU B 67 6.11 5.11 -22.82
C LEU B 67 6.62 3.81 -23.47
N GLY B 68 5.79 3.18 -24.29
CA GLY B 68 6.20 2.01 -25.06
C GLY B 68 7.31 2.33 -26.06
N ASP B 69 7.24 3.50 -26.67
CA ASP B 69 8.33 3.95 -27.56
C ASP B 69 9.64 4.13 -26.79
N LEU B 70 9.56 4.70 -25.58
CA LEU B 70 10.73 4.89 -24.72
C LEU B 70 11.35 3.59 -24.25
N PHE B 71 10.49 2.66 -23.83
CA PHE B 71 10.91 1.44 -23.18
C PHE B 71 11.20 0.34 -24.21
N GLY B 72 10.66 0.50 -25.42
CA GLY B 72 10.80 -0.48 -26.49
C GLY B 72 10.09 -1.81 -26.25
N VAL B 73 9.02 -1.78 -25.46
CA VAL B 73 8.22 -2.95 -25.16
C VAL B 73 6.73 -2.61 -25.31
N PRO B 74 5.90 -3.60 -25.68
CA PRO B 74 4.46 -3.31 -25.73
C PRO B 74 3.77 -3.41 -24.36
N SER B 75 4.41 -4.08 -23.41
CA SER B 75 3.86 -4.27 -22.08
C SER B 75 4.98 -4.70 -21.13
N PHE B 76 4.73 -4.55 -19.83
CA PHE B 76 5.69 -5.02 -18.82
C PHE B 76 4.97 -5.18 -17.50
N SER B 77 5.55 -5.96 -16.61
CA SER B 77 5.04 -6.09 -15.26
C SER B 77 5.79 -5.14 -14.33
N VAL B 78 5.04 -4.46 -13.46
CA VAL B 78 5.62 -3.57 -12.45
C VAL B 78 6.38 -4.35 -11.36
N LYS B 79 6.17 -5.67 -11.32
CA LYS B 79 6.92 -6.56 -10.41
C LYS B 79 8.37 -6.77 -10.83
N GLU B 80 8.67 -6.53 -12.11
CA GLU B 80 10.02 -6.71 -12.70
C GLU B 80 10.91 -5.49 -12.49
N HIS B 81 11.28 -5.24 -11.24
CA HIS B 81 12.00 -4.03 -10.85
C HIS B 81 13.33 -3.87 -11.55
N ARG B 82 14.05 -4.98 -11.73
CA ARG B 82 15.32 -4.97 -12.48
C ARG B 82 15.14 -4.48 -13.90
N LYS B 83 14.15 -5.02 -14.60
CA LYS B 83 13.86 -4.61 -15.98
C LYS B 83 13.41 -3.15 -16.07
N ILE B 84 12.65 -2.71 -15.08
CA ILE B 84 12.16 -1.33 -15.02
C ILE B 84 13.33 -0.35 -14.89
N TYR B 85 14.23 -0.63 -13.95
CA TYR B 85 15.44 0.17 -13.80
C TYR B 85 16.28 0.19 -15.10
N THR B 86 16.46 -0.97 -15.72
CA THR B 86 17.21 -1.03 -16.99
C THR B 86 16.58 -0.13 -18.04
N MET B 87 15.26 -0.20 -18.19
CA MET B 87 14.58 0.58 -19.21
C MET B 87 14.67 2.08 -18.93
N ILE B 88 14.58 2.44 -17.65
CA ILE B 88 14.64 3.85 -17.27
C ILE B 88 16.05 4.43 -17.42
N TYR B 89 17.07 3.69 -16.99
CA TYR B 89 18.45 4.19 -17.03
C TYR B 89 18.94 4.42 -18.46
N ARG B 90 18.34 3.72 -19.42
CA ARG B 90 18.60 3.98 -20.84
C ARG B 90 18.09 5.35 -21.27
N ASN B 91 17.20 5.93 -20.47
CA ASN B 91 16.55 7.18 -20.82
C ASN B 91 16.92 8.35 -19.91
N LEU B 92 17.94 8.16 -19.09
CA LEU B 92 18.42 9.23 -18.24
C LEU B 92 19.92 9.11 -17.96
N VAL B 93 20.50 10.19 -17.44
CA VAL B 93 21.91 10.21 -17.13
C VAL B 93 22.06 10.59 -15.67
N VAL B 94 22.88 9.82 -14.94
CA VAL B 94 23.24 10.17 -13.56
C VAL B 94 24.15 11.38 -13.64
N VAL B 95 23.85 12.42 -12.85
CA VAL B 95 24.59 13.68 -12.99
C VAL B 95 25.25 14.14 -11.70
N ASN B 96 25.35 13.24 -10.74
CA ASN B 96 25.70 13.62 -9.39
C ASN B 96 26.95 12.94 -8.88
N THR C 11 -14.58 -18.86 2.75
CA THR C 11 -15.59 -19.66 3.51
C THR C 11 -15.81 -19.09 4.91
N LEU C 12 -17.00 -19.33 5.46
CA LEU C 12 -17.43 -18.68 6.69
C LEU C 12 -16.90 -19.36 7.95
N VAL C 13 -16.62 -18.55 8.95
CA VAL C 13 -16.12 -19.03 10.24
C VAL C 13 -16.89 -18.41 11.42
N ARG C 14 -16.92 -19.14 12.53
CA ARG C 14 -17.64 -18.70 13.72
C ARG C 14 -16.65 -18.60 14.88
N PRO C 15 -16.15 -17.37 15.16
CA PRO C 15 -15.17 -17.20 16.23
C PRO C 15 -15.74 -17.61 17.59
N LYS C 16 -14.94 -18.32 18.37
CA LYS C 16 -15.30 -18.70 19.73
C LYS C 16 -15.39 -17.43 20.61
N PRO C 17 -15.99 -17.55 21.82
CA PRO C 17 -16.30 -16.35 22.62
C PRO C 17 -15.19 -15.31 22.76
N GLU C 18 -13.98 -15.73 23.12
CA GLU C 18 -12.91 -14.76 23.41
C GLU C 18 -12.44 -14.03 22.15
N LEU C 19 -12.24 -14.75 21.05
CA LEU C 19 -11.87 -14.11 19.79
C LEU C 19 -12.97 -13.15 19.31
N LEU C 20 -14.23 -13.58 19.46
CA LEU C 20 -15.36 -12.74 19.07
C LEU C 20 -15.33 -11.40 19.80
N LYS C 21 -15.19 -11.44 21.12
CA LYS C 21 -15.03 -10.24 21.94
C LYS C 21 -13.93 -9.32 21.39
N LEU C 22 -12.77 -9.90 21.09
CA LEU C 22 -11.66 -9.13 20.54
C LEU C 22 -12.04 -8.45 19.21
N LEU C 23 -12.62 -9.21 18.27
CA LEU C 23 -13.02 -8.65 16.99
C LEU C 23 -14.02 -7.51 17.16
N LYS C 24 -15.01 -7.72 18.03
CA LYS C 24 -16.02 -6.71 18.31
C LYS C 24 -15.42 -5.47 18.96
N SER C 25 -14.33 -5.66 19.71
CA SER C 25 -13.65 -4.54 20.37
C SER C 25 -13.04 -3.56 19.36
N VAL C 26 -12.77 -4.03 18.14
CA VAL C 26 -12.25 -3.14 17.10
C VAL C 26 -13.30 -2.81 16.04
N GLY C 27 -14.57 -3.09 16.34
CA GLY C 27 -15.68 -2.59 15.53
C GLY C 27 -16.43 -3.60 14.69
N ALA C 28 -16.05 -4.88 14.77
CA ALA C 28 -16.76 -5.93 14.06
C ALA C 28 -18.16 -6.08 14.66
N GLN C 29 -19.13 -6.42 13.83
CA GLN C 29 -20.53 -6.41 14.27
C GLN C 29 -21.33 -7.66 13.93
N LYS C 30 -20.64 -8.74 13.62
CA LYS C 30 -21.30 -9.98 13.21
C LYS C 30 -20.89 -11.13 14.10
N ASP C 31 -21.47 -12.31 13.84
CA ASP C 31 -21.12 -13.52 14.56
C ASP C 31 -20.37 -14.50 13.66
N THR C 32 -20.57 -14.35 12.36
CA THR C 32 -19.94 -15.20 11.35
C THR C 32 -19.17 -14.32 10.37
N TYR C 33 -17.97 -14.78 10.02
CA TYR C 33 -17.03 -13.99 9.21
C TYR C 33 -16.38 -14.82 8.13
N THR C 34 -15.77 -14.15 7.16
CA THR C 34 -14.80 -14.82 6.30
C THR C 34 -13.43 -14.70 6.97
N MET C 35 -12.51 -15.62 6.67
CA MET C 35 -11.17 -15.56 7.22
C MET C 35 -10.52 -14.20 6.93
N LYS C 36 -10.80 -13.68 5.73
CA LYS C 36 -10.33 -12.39 5.27
C LYS C 36 -10.75 -11.29 6.25
N GLU C 37 -12.02 -11.32 6.66
CA GLU C 37 -12.53 -10.35 7.62
C GLU C 37 -11.85 -10.51 8.98
N VAL C 38 -11.69 -11.74 9.45
CA VAL C 38 -11.05 -11.98 10.75
C VAL C 38 -9.63 -11.40 10.73
N LEU C 39 -8.93 -11.61 9.62
CA LEU C 39 -7.56 -11.09 9.49
C LEU C 39 -7.52 -9.56 9.48
N PHE C 40 -8.49 -8.95 8.82
CA PHE C 40 -8.65 -7.49 8.82
C PHE C 40 -8.79 -6.91 10.24
N TYR C 41 -9.75 -7.42 11.00
CA TYR C 41 -9.99 -6.96 12.37
C TYR C 41 -8.82 -7.26 13.29
N LEU C 42 -8.26 -8.46 13.19
CA LEU C 42 -7.05 -8.79 13.94
C LEU C 42 -5.89 -7.85 13.61
N GLY C 43 -5.72 -7.56 12.32
CA GLY C 43 -4.70 -6.60 11.88
C GLY C 43 -4.89 -5.22 12.52
N GLN C 44 -6.12 -4.72 12.49
CA GLN C 44 -6.44 -3.44 13.15
C GLN C 44 -6.07 -3.44 14.63
N TYR C 45 -6.37 -4.55 15.29
CA TYR C 45 -6.12 -4.71 16.70
C TYR C 45 -4.62 -4.65 17.01
N ILE C 46 -3.85 -5.45 16.28
CA ILE C 46 -2.40 -5.47 16.39
C ILE C 46 -1.78 -4.07 16.21
N MET C 47 -2.26 -3.34 15.20
CA MET C 47 -1.76 -2.01 14.89
C MET C 47 -2.18 -0.93 15.89
N THR C 48 -3.46 -0.93 16.26
CA THR C 48 -3.98 0.03 17.25
C THR C 48 -3.25 -0.12 18.59
N LYS C 49 -2.96 -1.36 18.99
CA LYS C 49 -2.28 -1.61 20.26
C LYS C 49 -0.76 -1.57 20.14
N ARG C 50 -0.27 -1.37 18.92
CA ARG C 50 1.17 -1.32 18.62
C ARG C 50 1.88 -2.55 19.18
N LEU C 51 1.39 -3.73 18.81
CA LEU C 51 1.98 -4.97 19.29
C LEU C 51 3.16 -5.40 18.42
N TYR C 52 3.29 -4.79 17.25
CA TYR C 52 4.41 -5.10 16.37
C TYR C 52 5.63 -4.32 16.79
N ASP C 53 6.81 -4.84 16.43
CA ASP C 53 8.08 -4.20 16.75
C ASP C 53 8.32 -2.97 15.89
N GLU C 54 8.69 -1.87 16.54
CA GLU C 54 8.92 -0.58 15.88
C GLU C 54 9.90 -0.67 14.70
N LYS C 55 11.04 -1.33 14.95
CA LYS C 55 12.10 -1.47 13.95
C LYS C 55 11.92 -2.68 13.04
N GLN C 56 11.54 -3.82 13.60
CA GLN C 56 11.26 -5.01 12.78
C GLN C 56 9.75 -5.23 12.71
N GLN C 57 9.15 -4.54 11.75
CA GLN C 57 7.70 -4.48 11.55
C GLN C 57 7.01 -5.84 11.43
N HIS C 58 7.78 -6.86 11.08
CA HIS C 58 7.25 -8.20 10.84
C HIS C 58 6.93 -8.98 12.12
N ILE C 59 7.46 -8.53 13.26
CA ILE C 59 7.32 -9.28 14.52
C ILE C 59 6.26 -8.70 15.44
N VAL C 60 5.32 -9.55 15.85
CA VAL C 60 4.28 -9.16 16.80
C VAL C 60 4.62 -9.73 18.18
N TYR C 61 4.70 -8.84 19.17
CA TYR C 61 4.95 -9.24 20.55
C TYR C 61 3.64 -9.16 21.30
N CYS C 62 3.14 -10.30 21.76
CA CYS C 62 1.82 -10.34 22.38
C CYS C 62 1.78 -11.04 23.74
N SER C 63 2.96 -11.26 24.33
CA SER C 63 3.06 -11.96 25.61
C SER C 63 2.33 -11.25 26.75
N ASN C 64 2.20 -9.93 26.63
CA ASN C 64 1.52 -9.11 27.62
C ASN C 64 0.08 -8.76 27.25
N ASP C 65 -0.42 -9.36 26.18
CA ASP C 65 -1.72 -8.97 25.62
C ASP C 65 -2.72 -10.13 25.58
N LEU C 66 -4.02 -9.80 25.59
CA LEU C 66 -5.09 -10.77 25.36
C LEU C 66 -4.85 -11.63 24.13
N LEU C 67 -4.26 -11.03 23.08
CA LEU C 67 -3.94 -11.77 21.85
C LEU C 67 -3.03 -12.97 22.10
N GLY C 68 -2.03 -12.78 22.94
CA GLY C 68 -1.12 -13.87 23.31
C GLY C 68 -1.83 -14.99 24.04
N ASP C 69 -2.79 -14.63 24.89
CA ASP C 69 -3.58 -15.63 25.61
C ASP C 69 -4.37 -16.50 24.63
N LEU C 70 -5.00 -15.87 23.63
CA LEU C 70 -5.82 -16.59 22.65
C LEU C 70 -5.00 -17.42 21.68
N PHE C 71 -3.86 -16.88 21.29
CA PHE C 71 -3.02 -17.50 20.27
C PHE C 71 -2.11 -18.55 20.88
N GLY C 72 -1.88 -18.45 22.19
CA GLY C 72 -1.02 -19.38 22.91
C GLY C 72 0.46 -19.20 22.62
N VAL C 73 0.85 -17.99 22.21
CA VAL C 73 2.26 -17.68 21.92
C VAL C 73 2.68 -16.35 22.55
N PRO C 74 3.98 -16.19 22.86
CA PRO C 74 4.49 -14.89 23.32
C PRO C 74 4.79 -13.91 22.18
N SER C 75 5.01 -14.44 20.97
CA SER C 75 5.22 -13.63 19.75
C SER C 75 5.02 -14.48 18.51
N PHE C 76 4.91 -13.83 17.36
CA PHE C 76 4.90 -14.51 16.07
C PHE C 76 5.36 -13.55 14.99
N SER C 77 5.78 -14.09 13.84
CA SER C 77 6.09 -13.26 12.69
C SER C 77 4.89 -13.23 11.76
N VAL C 78 4.63 -12.08 11.15
CA VAL C 78 3.53 -11.94 10.20
C VAL C 78 3.81 -12.71 8.91
N LYS C 79 5.06 -13.08 8.68
CA LYS C 79 5.44 -13.90 7.51
C LYS C 79 5.08 -15.39 7.64
N GLU C 80 4.75 -15.82 8.85
CA GLU C 80 4.46 -17.23 9.11
C GLU C 80 2.97 -17.49 8.99
N HIS C 81 2.52 -17.56 7.75
CA HIS C 81 1.10 -17.56 7.40
C HIS C 81 0.36 -18.79 7.92
N ARG C 82 1.00 -19.95 7.81
CA ARG C 82 0.43 -21.20 8.26
C ARG C 82 0.22 -21.18 9.78
N LYS C 83 1.18 -20.61 10.51
CA LYS C 83 1.06 -20.48 11.97
C LYS C 83 -0.07 -19.53 12.35
N ILE C 84 -0.22 -18.46 11.58
CA ILE C 84 -1.27 -17.46 11.85
C ILE C 84 -2.63 -18.12 11.68
N TYR C 85 -2.80 -18.86 10.59
CA TYR C 85 -4.03 -19.60 10.36
C TYR C 85 -4.29 -20.61 11.48
N THR C 86 -3.25 -21.33 11.88
CA THR C 86 -3.33 -22.29 12.99
C THR C 86 -3.87 -21.61 14.26
N MET C 87 -3.26 -20.48 14.61
CA MET C 87 -3.62 -19.79 15.84
C MET C 87 -5.06 -19.29 15.79
N ILE C 88 -5.50 -18.87 14.61
CA ILE C 88 -6.89 -18.43 14.42
C ILE C 88 -7.86 -19.62 14.45
N TYR C 89 -7.50 -20.69 13.75
CA TYR C 89 -8.29 -21.93 13.73
C TYR C 89 -8.61 -22.45 15.13
N ARG C 90 -7.64 -22.35 16.04
CA ARG C 90 -7.85 -22.74 17.44
C ARG C 90 -8.98 -21.96 18.09
N ASN C 91 -9.33 -20.81 17.53
CA ASN C 91 -10.29 -19.90 18.13
C ASN C 91 -11.60 -19.74 17.36
N LEU C 92 -11.87 -20.66 16.44
CA LEU C 92 -13.09 -20.58 15.65
C LEU C 92 -13.48 -21.92 15.08
N VAL C 93 -14.73 -21.99 14.60
CA VAL C 93 -15.24 -23.16 13.91
C VAL C 93 -15.55 -22.72 12.49
N VAL C 94 -14.95 -23.41 11.51
CA VAL C 94 -15.24 -23.15 10.10
C VAL C 94 -16.59 -23.78 9.73
N VAL C 95 -17.46 -22.97 9.13
CA VAL C 95 -18.83 -23.37 8.84
C VAL C 95 -18.92 -24.31 7.64
C2 4SS D . 0.40 3.27 -0.03
C3 4SS D . 1.37 2.26 -0.03
C44 4SS D . 4.29 3.78 -3.57
C45 4SS D . 5.41 3.04 -3.96
C46 4SS D . 6.65 3.28 -3.36
C48 4SS D . 6.74 4.25 -2.36
C49 4SS D . 5.62 4.99 -1.97
C51 4SS D . 4.37 4.76 -2.58
C53 4SS D . 8.11 4.49 -1.70
C58 4SS D . 6.16 1.19 -5.51
C12 4SS D . 2.37 2.26 -3.72
C15 4SS D . 2.63 4.24 -5.26
C16 4SS D . 1.36 3.89 -5.99
C19 4SS D . 0.92 2.42 -5.81
C20 4SS D . 1.38 1.66 -4.72
C21 4SS D . 0.97 0.33 -4.56
C23 4SS D . 0.09 -0.25 -5.48
C24 4SS D . -0.39 0.50 -6.55
C25 4SS D . 0.03 1.84 -6.71
C28 4SS D . -1.94 0.46 -8.51
CL1 4SS D . -0.43 3.71 1.46
C5 4SS D . 2.02 1.92 -1.23
C7 4SS D . 1.69 2.60 -2.41
C8 4SS D . 0.71 3.60 -2.40
C10 4SS D . 0.06 3.93 -1.21
N14 4SS D . 3.07 3.47 -4.23
O27 4SS D . -1.27 -0.16 -7.41
C31 4SS D . -2.70 -0.61 -9.33
O35 4SS D . -0.38 -1.57 -5.39
C36 4SS D . 0.16 -2.56 -4.49
C39 4SS D . -0.72 -2.60 -3.23
O43 4SS D . 3.24 5.24 -5.64
O57 4SS D . 5.18 2.09 -4.98
C61 4SS D . 6.14 -0.05 -4.65
N62 4SS D . 7.14 -0.77 -4.39
N63 4SS D . 6.73 -1.78 -3.60
N65 4SS D . 5.41 -1.68 -3.37
N66 4SS D . 4.96 -0.58 -4.01
C2 4SS E . -2.64 -11.49 12.12
C3 4SS E . -1.34 -11.59 11.60
C44 4SS E . -0.99 -7.37 9.39
C45 4SS E . 0.30 -7.12 8.89
C46 4SS E . 1.24 -6.47 9.71
C48 4SS E . 0.91 -6.07 11.01
C49 4SS E . -0.38 -6.32 11.50
C51 4SS E . -1.32 -6.96 10.69
C53 4SS E . 1.93 -5.35 11.88
C58 4SS E . 1.92 -7.57 7.07
C12 4SS E . -1.74 -9.49 8.39
C15 4SS E . -3.03 -7.38 8.09
C16 4SS E . -4.08 -8.07 7.25
C19 4SS E . -3.71 -9.47 6.77
C20 4SS E . -2.60 -10.15 7.30
C21 4SS E . -2.29 -11.43 6.85
C23 4SS E . -3.05 -12.07 5.88
C24 4SS E . -4.16 -11.40 5.33
C25 4SS E . -4.47 -10.11 5.78
C28 4SS E . -6.27 -11.67 4.03
CL1 4SS E . -3.05 -12.27 13.62
C5 4SS E . -1.02 -10.95 10.38
C7 4SS E . -2.02 -10.21 9.72
C8 4SS E . -3.32 -10.11 10.26
C10 4SS E . -3.63 -10.75 11.46
N14 4SS E . -1.96 -8.05 8.59
O27 4SS E . -4.91 -12.06 4.35
C31 4SS E . -7.00 -12.89 3.41
O35 4SS E . -2.73 -13.36 5.42
C36 4SS E . -1.54 -14.07 5.86
C39 4SS E . -1.87 -14.79 7.19
O43 4SS E . -3.18 -6.17 8.29
O57 4SS E . 0.57 -7.55 7.58
C61 4SS E . 1.85 -8.00 5.65
N62 4SS E . 1.74 -7.22 4.65
N63 4SS E . 1.70 -7.99 3.53
N65 4SS E . 1.78 -9.29 3.85
N66 4SS E . 1.88 -9.38 5.20
C2 4SS F . 7.24 2.26 -13.68
C3 4SS F . 6.83 1.03 -13.16
C44 4SS F . 3.42 1.85 -10.13
C45 4SS F . 2.91 0.83 -9.31
C46 4SS F . 1.89 -0.02 -9.78
C48 4SS F . 1.38 0.16 -11.08
C49 4SS F . 1.91 1.18 -11.89
C51 4SS F . 2.93 2.02 -11.42
C53 4SS F . 0.27 -0.78 -11.57
C58 4SS F . 3.05 -0.31 -7.09
C12 4SS F . 5.79 2.02 -9.61
C15 4SS F . 4.17 3.87 -9.05
C16 4SS F . 5.25 4.71 -8.43
C19 4SS F . 6.51 3.90 -8.06
C20 4SS F . 6.78 2.65 -8.63
C21 4SS F . 7.94 1.94 -8.29
C23 4SS F . 8.85 2.50 -7.37
C24 4SS F . 8.58 3.74 -6.81
C25 4SS F . 7.43 4.45 -7.15
C28 4SS F . 9.53 5.52 -5.32
CL1 4SS F . 7.81 2.40 -15.32
C5 4SS F . 6.37 0.93 -11.85
C7 4SS F . 6.32 2.08 -11.05
C8 4SS F . 6.72 3.31 -11.57
C10 4SS F . 7.19 3.41 -12.88
N14 4SS F . 4.46 2.65 -9.59
O27 4SS F . 9.54 4.21 -5.90
C31 4SS F . 10.56 5.51 -4.16
O35 4SS F . 10.03 1.87 -6.96
C36 4SS F . 10.50 0.59 -7.42
C39 4SS F . 10.99 0.66 -8.90
O43 4SS F . 3.05 4.35 -9.05
O57 4SS F . 3.45 0.71 -8.01
C61 4SS F . 3.99 -1.46 -7.28
N62 4SS F . 3.71 -2.67 -7.02
N63 4SS F . 4.79 -3.40 -7.33
N65 4SS F . 5.79 -2.63 -7.79
N66 4SS F . 5.34 -1.36 -7.79
S SO4 G . -24.26 -13.22 11.78
O1 SO4 G . -24.55 -14.46 12.49
O2 SO4 G . -25.28 -13.00 10.76
O3 SO4 G . -24.28 -12.10 12.73
O4 SO4 G . -22.96 -13.31 11.15
#